data_1KEO
#
_entry.id   1KEO
#
_cell.length_a   108.772
_cell.length_b   108.772
_cell.length_c   72.670
_cell.angle_alpha   90.00
_cell.angle_beta   90.00
_cell.angle_gamma   90.00
#
_symmetry.space_group_name_H-M   'I 4'
#
loop_
_entity.id
_entity.type
_entity.pdbx_description
1 polymer 'cation-dependent mannose-6-phosphate receptor'
2 non-polymer 2-acetamido-2-deoxy-beta-D-glucopyranose
3 water water
#
_entity_poly.entity_id   1
_entity_poly.type   'polypeptide(L)'
_entity_poly.pdbx_seq_one_letter_code
;TEEKTCDLVGEKGKESEKELALLKRLTPLFQKSFESTVGQSPDMYSYVFRVCREAGQHSSGAGLVQIQKSNGKETVVGRF
NETQIFQGSNWIMLIYKGGDEYDNHCGREQRRAVVMISCNRHTLADNFNPVSEERGKVQDCFYLFEMDSSLACS
;
_entity_poly.pdbx_strand_id   A,B
#
loop_
_chem_comp.id
_chem_comp.type
_chem_comp.name
_chem_comp.formula
NAG D-saccharide, beta linking 2-acetamido-2-deoxy-beta-D-glucopyranose 'C8 H15 N O6'
#
# COMPACT_ATOMS: atom_id res chain seq x y z
N GLU A 3 20.02 -7.58 -20.56
CA GLU A 3 20.06 -6.78 -19.29
C GLU A 3 19.00 -7.29 -18.32
N LYS A 4 19.14 -6.92 -17.05
CA LYS A 4 18.18 -7.35 -16.02
C LYS A 4 16.99 -6.42 -15.92
N THR A 5 15.90 -6.96 -15.38
CA THR A 5 14.68 -6.19 -15.19
C THR A 5 14.05 -6.61 -13.88
N CYS A 6 12.79 -6.25 -13.71
CA CYS A 6 12.08 -6.60 -12.51
C CYS A 6 11.84 -8.10 -12.47
N ASP A 7 11.97 -8.69 -11.30
CA ASP A 7 11.70 -10.12 -11.14
C ASP A 7 10.45 -10.17 -10.26
N LEU A 8 9.37 -10.70 -10.82
CA LEU A 8 8.08 -10.83 -10.12
C LEU A 8 8.17 -11.73 -8.90
N VAL A 9 7.29 -11.49 -7.93
CA VAL A 9 7.28 -12.29 -6.71
C VAL A 9 6.44 -13.55 -6.92
N GLY A 10 7.10 -14.70 -6.89
CA GLY A 10 6.43 -15.98 -7.07
C GLY A 10 7.38 -17.03 -7.63
N GLU A 11 6.89 -18.25 -7.80
CA GLU A 11 7.71 -19.37 -8.31
C GLU A 11 8.03 -19.11 -9.78
N LYS A 12 9.31 -18.98 -10.13
CA LYS A 12 9.74 -18.73 -11.51
C LYS A 12 8.88 -19.50 -12.51
N GLY A 13 7.98 -18.78 -13.19
CA GLY A 13 7.09 -19.40 -14.16
C GLY A 13 5.65 -19.19 -13.73
N LYS A 14 5.40 -19.29 -12.42
CA LYS A 14 4.07 -19.10 -11.86
C LYS A 14 3.65 -17.64 -11.97
N GLU A 15 4.57 -16.79 -12.40
CA GLU A 15 4.30 -15.37 -12.56
C GLU A 15 3.08 -15.13 -13.41
N SER A 16 2.06 -14.57 -12.78
CA SER A 16 0.80 -14.27 -13.44
C SER A 16 1.02 -13.59 -14.79
N GLU A 17 0.28 -14.03 -15.79
CA GLU A 17 0.38 -13.45 -17.11
C GLU A 17 -0.04 -12.00 -16.96
N LYS A 18 -1.02 -11.80 -16.10
CA LYS A 18 -1.56 -10.47 -15.81
C LYS A 18 -0.45 -9.50 -15.41
N GLU A 19 0.25 -9.81 -14.32
CA GLU A 19 1.33 -8.96 -13.85
C GLU A 19 2.32 -8.67 -14.97
N LEU A 20 2.78 -9.72 -15.65
CA LEU A 20 3.72 -9.55 -16.76
C LEU A 20 3.21 -8.55 -17.80
N ALA A 21 1.89 -8.47 -17.95
CA ALA A 21 1.31 -7.53 -18.90
C ALA A 21 1.54 -6.10 -18.40
N LEU A 22 1.32 -5.89 -17.11
CA LEU A 22 1.51 -4.58 -16.47
C LEU A 22 2.98 -4.17 -16.57
N LEU A 23 3.85 -5.10 -16.20
CA LEU A 23 5.30 -4.91 -16.22
C LEU A 23 5.70 -4.38 -17.59
N LYS A 24 5.19 -5.02 -18.65
CA LYS A 24 5.47 -4.64 -20.03
C LYS A 24 4.95 -3.25 -20.37
N ARG A 25 3.77 -2.94 -19.83
CA ARG A 25 3.11 -1.65 -20.04
C ARG A 25 3.98 -0.50 -19.56
N LEU A 26 4.81 -0.76 -18.56
CA LEU A 26 5.67 0.24 -17.95
C LEU A 26 7.04 0.45 -18.60
N THR A 27 7.42 -0.45 -19.52
CA THR A 27 8.72 -0.36 -20.20
C THR A 27 9.18 1.04 -20.63
N PRO A 28 8.27 1.87 -21.16
CA PRO A 28 8.76 3.21 -21.54
C PRO A 28 9.41 4.00 -20.41
N LEU A 29 9.12 3.66 -19.16
CA LEU A 29 9.68 4.37 -18.01
C LEU A 29 11.03 3.85 -17.55
N PHE A 30 11.35 2.62 -17.95
CA PHE A 30 12.59 1.95 -17.58
C PHE A 30 13.87 2.80 -17.56
N GLN A 31 14.12 3.55 -18.64
CA GLN A 31 15.33 4.37 -18.70
C GLN A 31 15.24 5.66 -17.91
N LYS A 32 14.04 6.00 -17.45
CA LYS A 32 13.87 7.21 -16.70
C LYS A 32 14.31 7.07 -15.25
N SER A 33 14.50 8.21 -14.61
CA SER A 33 14.92 8.24 -13.21
C SER A 33 14.13 9.33 -12.51
N PHE A 34 13.61 8.99 -11.34
CA PHE A 34 12.83 9.95 -10.59
C PHE A 34 13.48 10.26 -9.25
N GLU A 35 13.53 11.53 -8.90
CA GLU A 35 14.15 11.96 -7.66
C GLU A 35 13.30 12.97 -6.91
N SER A 36 13.47 13.00 -5.60
CA SER A 36 12.73 13.93 -4.75
C SER A 36 13.54 14.19 -3.49
N THR A 37 13.62 15.46 -3.10
CA THR A 37 14.37 15.86 -1.91
C THR A 37 13.44 16.50 -0.89
N VAL A 38 13.52 16.03 0.35
CA VAL A 38 12.67 16.54 1.41
C VAL A 38 13.46 16.93 2.66
N GLY A 39 12.77 17.61 3.58
CA GLY A 39 13.36 18.07 4.83
C GLY A 39 14.22 19.31 4.71
N GLN A 40 14.68 19.85 5.84
CA GLN A 40 15.58 20.98 5.76
C GLN A 40 16.91 20.62 6.42
N SER A 41 17.97 21.29 5.98
CA SER A 41 19.32 21.05 6.43
C SER A 41 19.51 21.21 7.92
N PRO A 42 20.34 20.35 8.55
CA PRO A 42 21.21 19.27 8.10
C PRO A 42 20.50 17.93 7.84
N ASP A 43 19.19 17.88 8.04
CA ASP A 43 18.44 16.63 7.88
C ASP A 43 17.71 16.40 6.57
N MET A 44 18.32 16.83 5.48
CA MET A 44 17.71 16.68 4.17
C MET A 44 17.94 15.26 3.62
N TYR A 45 16.90 14.66 3.06
CA TYR A 45 16.99 13.33 2.48
C TYR A 45 16.56 13.37 1.02
N SER A 46 17.12 12.48 0.23
CA SER A 46 16.79 12.41 -1.19
C SER A 46 16.35 11.01 -1.57
N TYR A 47 15.35 10.90 -2.45
CA TYR A 47 14.87 9.60 -2.90
C TYR A 47 15.05 9.47 -4.40
N VAL A 48 15.63 8.36 -4.84
CA VAL A 48 15.81 8.08 -6.26
C VAL A 48 15.06 6.81 -6.57
N PHE A 49 14.20 6.89 -7.58
CA PHE A 49 13.37 5.77 -7.99
C PHE A 49 13.52 5.44 -9.45
N ARG A 50 13.62 4.16 -9.76
CA ARG A 50 13.76 3.69 -11.12
C ARG A 50 12.85 2.48 -11.28
N VAL A 51 12.37 2.27 -12.49
CA VAL A 51 11.50 1.14 -12.76
C VAL A 51 12.27 -0.02 -13.36
N CYS A 52 12.50 -1.05 -12.55
CA CYS A 52 13.20 -2.24 -13.00
C CYS A 52 14.64 -1.95 -13.38
N ARG A 53 15.23 -0.94 -12.77
CA ARG A 53 16.61 -0.56 -13.03
C ARG A 53 17.35 -0.23 -11.75
N GLU A 54 18.66 -0.14 -11.83
CA GLU A 54 19.48 0.18 -10.67
C GLU A 54 19.25 1.65 -10.30
N ALA A 55 18.91 1.89 -9.04
CA ALA A 55 18.61 3.25 -8.57
C ALA A 55 19.69 3.89 -7.73
N GLY A 56 20.52 3.09 -7.08
CA GLY A 56 21.57 3.65 -6.25
C GLY A 56 22.93 3.84 -6.94
N GLN A 57 23.80 4.63 -6.34
CA GLN A 57 25.14 4.88 -6.89
C GLN A 57 26.04 3.79 -6.34
N HIS A 58 25.92 3.56 -5.04
CA HIS A 58 26.71 2.58 -4.32
C HIS A 58 25.97 1.26 -4.22
N SER A 59 25.00 1.20 -3.32
CA SER A 59 24.18 0.00 -3.13
C SER A 59 23.62 -0.55 -4.45
N SER A 60 23.58 -1.88 -4.56
CA SER A 60 23.10 -2.57 -5.76
C SER A 60 21.79 -3.34 -5.61
N GLY A 61 21.07 -3.48 -6.72
CA GLY A 61 19.81 -4.20 -6.70
C GLY A 61 18.61 -3.41 -6.18
N ALA A 62 18.81 -2.12 -5.95
CA ALA A 62 17.76 -1.27 -5.43
C ALA A 62 16.98 -0.53 -6.49
N GLY A 63 15.65 -0.54 -6.36
CA GLY A 63 14.79 0.16 -7.30
C GLY A 63 14.42 1.51 -6.72
N LEU A 64 14.55 1.63 -5.41
CA LEU A 64 14.24 2.87 -4.70
C LEU A 64 15.17 2.98 -3.51
N VAL A 65 15.92 4.09 -3.48
CA VAL A 65 16.87 4.35 -2.41
C VAL A 65 16.63 5.67 -1.69
N GLN A 66 16.94 5.69 -0.40
CA GLN A 66 16.81 6.88 0.43
C GLN A 66 18.23 7.30 0.80
N ILE A 67 18.60 8.52 0.44
CA ILE A 67 19.92 9.07 0.72
C ILE A 67 19.94 10.16 1.79
N GLN A 68 20.79 9.98 2.79
CA GLN A 68 20.96 10.97 3.85
C GLN A 68 22.04 11.91 3.29
N LYS A 69 21.65 13.13 2.93
CA LYS A 69 22.57 14.09 2.35
C LYS A 69 23.67 14.57 3.26
N SER A 70 23.46 14.51 4.57
CA SER A 70 24.48 14.95 5.50
C SER A 70 25.72 14.07 5.42
N ASN A 71 25.58 12.81 5.00
CA ASN A 71 26.73 11.91 4.89
C ASN A 71 26.70 10.94 3.70
N GLY A 72 25.80 11.18 2.76
CA GLY A 72 25.70 10.34 1.57
C GLY A 72 25.34 8.88 1.74
N LYS A 73 25.00 8.45 2.94
CA LYS A 73 24.65 7.06 3.14
C LYS A 73 23.34 6.69 2.42
N GLU A 74 23.39 5.59 1.67
CA GLU A 74 22.23 5.09 0.92
C GLU A 74 21.49 3.96 1.65
N THR A 75 20.19 4.13 1.85
CA THR A 75 19.34 3.11 2.47
C THR A 75 18.45 2.54 1.37
N VAL A 76 18.52 1.22 1.19
CA VAL A 76 17.72 0.55 0.18
C VAL A 76 16.32 0.42 0.75
N VAL A 77 15.35 0.96 0.02
CA VAL A 77 13.96 0.94 0.46
C VAL A 77 13.21 -0.23 -0.17
N GLY A 78 13.67 -0.63 -1.36
CA GLY A 78 13.08 -1.74 -2.07
C GLY A 78 13.97 -2.18 -3.21
N ARG A 79 13.97 -3.49 -3.48
CA ARG A 79 14.78 -4.08 -4.55
C ARG A 79 13.86 -4.57 -5.65
N PHE A 80 14.24 -4.31 -6.90
CA PHE A 80 13.40 -4.72 -8.01
C PHE A 80 13.47 -6.21 -8.34
N ASN A 81 14.17 -6.97 -7.50
CA ASN A 81 14.27 -8.40 -7.72
C ASN A 81 13.16 -9.07 -6.90
N GLU A 82 12.36 -8.24 -6.24
CA GLU A 82 11.21 -8.70 -5.45
C GLU A 82 10.07 -7.72 -5.76
N THR A 83 9.61 -7.75 -7.01
CA THR A 83 8.54 -6.86 -7.46
C THR A 83 7.14 -7.46 -7.44
N GLN A 84 6.17 -6.62 -7.06
CA GLN A 84 4.76 -6.97 -7.05
C GLN A 84 4.10 -5.78 -7.75
N ILE A 85 3.07 -6.04 -8.55
CA ILE A 85 2.41 -4.95 -9.27
C ILE A 85 0.92 -5.22 -9.44
N PHE A 86 0.10 -4.25 -9.07
CA PHE A 86 -1.35 -4.39 -9.16
C PHE A 86 -2.00 -3.23 -9.90
N GLN A 87 -3.18 -3.46 -10.47
CA GLN A 87 -3.90 -2.43 -11.20
C GLN A 87 -5.28 -2.20 -10.59
N GLY A 88 -5.55 -0.96 -10.22
CA GLY A 88 -6.84 -0.60 -9.65
C GLY A 88 -7.68 0.05 -10.72
N SER A 89 -8.74 0.77 -10.32
CA SER A 89 -9.62 1.41 -11.30
C SER A 89 -8.86 2.29 -12.28
N ASN A 90 -8.16 3.30 -11.77
CA ASN A 90 -7.41 4.17 -12.65
C ASN A 90 -6.02 4.46 -12.10
N TRP A 91 -5.34 3.39 -11.68
CA TRP A 91 -4.00 3.50 -11.14
C TRP A 91 -3.29 2.16 -11.13
N ILE A 92 -2.00 2.21 -10.91
CA ILE A 92 -1.19 1.00 -10.84
C ILE A 92 -0.36 1.12 -9.58
N MET A 93 -0.25 0.03 -8.82
CA MET A 93 0.55 0.05 -7.62
C MET A 93 1.77 -0.83 -7.83
N LEU A 94 2.94 -0.25 -7.63
CA LEU A 94 4.19 -0.95 -7.80
C LEU A 94 4.80 -1.17 -6.43
N ILE A 95 5.27 -2.39 -6.17
CA ILE A 95 5.89 -2.68 -4.88
C ILE A 95 7.24 -3.37 -5.00
N TYR A 96 8.23 -2.82 -4.30
CA TYR A 96 9.58 -3.37 -4.26
C TYR A 96 9.80 -3.84 -2.83
N LYS A 97 10.07 -5.12 -2.64
CA LYS A 97 10.31 -5.64 -1.29
C LYS A 97 11.79 -5.86 -1.05
N GLY A 98 12.08 -6.57 0.04
CA GLY A 98 13.46 -6.89 0.37
C GLY A 98 14.42 -5.74 0.50
N GLY A 99 14.07 -4.75 1.32
CA GLY A 99 14.94 -3.60 1.50
C GLY A 99 15.63 -3.73 2.84
N ASP A 100 16.61 -2.86 3.12
CA ASP A 100 17.33 -2.94 4.39
C ASP A 100 16.34 -2.94 5.55
N GLU A 101 16.66 -3.72 6.59
CA GLU A 101 15.78 -3.82 7.77
C GLU A 101 15.78 -2.57 8.64
N TYR A 102 14.64 -2.30 9.26
CA TYR A 102 14.50 -1.13 10.11
C TYR A 102 15.50 -1.09 11.26
N ASP A 103 15.37 -2.00 12.22
CA ASP A 103 16.28 -2.03 13.36
C ASP A 103 16.10 -0.74 14.17
N ASN A 104 14.85 -0.42 14.53
CA ASN A 104 14.53 0.77 15.31
C ASN A 104 13.10 0.68 15.88
N HIS A 105 12.48 1.82 16.17
CA HIS A 105 11.14 1.83 16.72
C HIS A 105 10.15 1.06 15.84
N CYS A 106 10.50 0.89 14.57
CA CYS A 106 9.65 0.19 13.59
C CYS A 106 9.82 -1.32 13.64
N GLY A 107 10.72 -1.80 14.48
CA GLY A 107 10.94 -3.23 14.55
C GLY A 107 12.12 -3.55 13.66
N ARG A 108 12.17 -4.78 13.15
CA ARG A 108 13.27 -5.18 12.29
C ARG A 108 12.87 -5.85 10.99
N GLU A 109 11.60 -5.73 10.63
CA GLU A 109 11.14 -6.31 9.37
C GLU A 109 11.87 -5.57 8.25
N GLN A 110 11.91 -6.14 7.06
CA GLN A 110 12.58 -5.49 5.94
C GLN A 110 11.73 -4.34 5.39
N ARG A 111 12.39 -3.37 4.77
CA ARG A 111 11.70 -2.24 4.20
C ARG A 111 11.12 -2.64 2.84
N ARG A 112 10.07 -1.93 2.43
CA ARG A 112 9.43 -2.16 1.15
C ARG A 112 9.08 -0.80 0.60
N ALA A 113 9.03 -0.70 -0.72
CA ALA A 113 8.69 0.54 -1.37
C ALA A 113 7.34 0.39 -2.08
N VAL A 114 6.41 1.28 -1.78
CA VAL A 114 5.09 1.26 -2.41
C VAL A 114 4.93 2.54 -3.23
N VAL A 115 4.75 2.38 -4.53
CA VAL A 115 4.61 3.52 -5.43
C VAL A 115 3.25 3.58 -6.12
N MET A 116 2.47 4.60 -5.79
CA MET A 116 1.16 4.77 -6.41
C MET A 116 1.31 5.53 -7.73
N ILE A 117 1.01 4.87 -8.84
CA ILE A 117 1.10 5.52 -10.15
C ILE A 117 -0.31 5.86 -10.61
N SER A 118 -0.70 7.12 -10.44
CA SER A 118 -2.02 7.59 -10.81
C SER A 118 -2.13 8.03 -12.27
N CYS A 119 -3.31 7.82 -12.83
CA CYS A 119 -3.57 8.19 -14.22
C CYS A 119 -3.58 9.69 -14.41
N ASN A 120 -2.86 10.13 -15.43
CA ASN A 120 -2.78 11.53 -15.82
C ASN A 120 -2.53 11.48 -17.32
N ARG A 121 -3.57 11.73 -18.09
CA ARG A 121 -3.47 11.67 -19.55
C ARG A 121 -2.54 12.70 -20.17
N HIS A 122 -2.18 13.71 -19.38
CA HIS A 122 -1.33 14.78 -19.88
C HIS A 122 0.18 14.65 -19.70
N THR A 123 0.66 13.46 -19.33
CA THR A 123 2.10 13.28 -19.15
C THR A 123 2.53 11.82 -19.09
N LEU A 124 3.72 11.54 -19.61
CA LEU A 124 4.24 10.17 -19.62
C LEU A 124 4.52 9.79 -18.18
N ALA A 125 5.30 10.61 -17.49
CA ALA A 125 5.64 10.35 -16.11
C ALA A 125 6.30 11.54 -15.42
N ASP A 126 5.70 11.98 -14.31
CA ASP A 126 6.25 13.08 -13.53
C ASP A 126 5.57 13.21 -12.16
N ASN A 127 5.90 14.28 -11.44
CA ASN A 127 5.33 14.55 -10.14
C ASN A 127 5.55 13.45 -9.09
N PHE A 128 6.74 12.89 -9.09
CA PHE A 128 7.08 11.85 -8.14
C PHE A 128 7.35 12.51 -6.79
N ASN A 129 6.65 12.06 -5.76
CA ASN A 129 6.87 12.63 -4.43
C ASN A 129 6.40 11.71 -3.32
N PRO A 130 7.09 11.74 -2.19
CA PRO A 130 6.73 10.89 -1.05
C PRO A 130 5.45 11.34 -0.36
N VAL A 131 4.65 10.37 0.08
CA VAL A 131 3.42 10.65 0.79
C VAL A 131 3.66 10.23 2.25
N SER A 132 4.23 9.04 2.43
CA SER A 132 4.50 8.49 3.76
C SER A 132 5.94 8.04 3.83
N GLU A 133 6.64 8.39 4.91
CA GLU A 133 8.04 7.98 5.05
C GLU A 133 8.48 7.59 6.46
N GLU A 134 9.68 7.03 6.50
CA GLU A 134 10.37 6.66 7.73
C GLU A 134 11.69 7.35 7.50
N ARG A 135 11.77 8.60 7.97
CA ARG A 135 12.96 9.41 7.79
C ARG A 135 12.99 10.55 8.80
N GLY A 136 14.05 10.58 9.61
CA GLY A 136 14.20 11.62 10.61
C GLY A 136 13.05 11.72 11.58
N LYS A 137 12.44 12.90 11.65
CA LYS A 137 11.32 13.14 12.55
C LYS A 137 10.05 12.44 12.06
N VAL A 138 10.01 12.09 10.77
CA VAL A 138 8.85 11.41 10.19
C VAL A 138 9.00 9.91 10.46
N GLN A 139 8.09 9.35 11.24
CA GLN A 139 8.19 7.94 11.61
C GLN A 139 6.96 7.11 11.29
N ASP A 140 6.70 6.92 9.99
CA ASP A 140 5.55 6.16 9.53
C ASP A 140 5.80 4.66 9.45
N CYS A 141 7.07 4.24 9.46
CA CYS A 141 7.40 2.83 9.34
C CYS A 141 6.70 2.34 8.08
N PHE A 142 6.70 3.20 7.06
CA PHE A 142 6.04 2.91 5.81
C PHE A 142 6.53 3.89 4.76
N TYR A 143 6.80 3.40 3.55
CA TYR A 143 7.24 4.27 2.47
C TYR A 143 6.21 4.27 1.36
N LEU A 144 5.53 5.39 1.19
CA LEU A 144 4.53 5.49 0.16
C LEU A 144 4.85 6.66 -0.76
N PHE A 145 4.93 6.38 -2.05
CA PHE A 145 5.22 7.41 -3.02
C PHE A 145 4.12 7.48 -4.05
N GLU A 146 3.91 8.67 -4.59
CA GLU A 146 2.92 8.87 -5.61
C GLU A 146 3.58 9.52 -6.81
N MET A 147 3.02 9.28 -8.00
CA MET A 147 3.52 9.89 -9.23
C MET A 147 2.48 9.82 -10.34
N ASP A 148 2.59 10.71 -11.32
CA ASP A 148 1.66 10.78 -12.43
C ASP A 148 2.15 10.09 -13.70
N SER A 149 1.22 9.43 -14.39
CA SER A 149 1.57 8.75 -15.63
C SER A 149 0.34 8.36 -16.42
N SER A 150 0.38 8.62 -17.72
CA SER A 150 -0.74 8.30 -18.60
C SER A 150 -0.81 6.79 -18.77
N LEU A 151 0.30 6.12 -18.50
CA LEU A 151 0.37 4.67 -18.61
C LEU A 151 -0.60 3.99 -17.64
N ALA A 152 -0.78 4.56 -16.46
CA ALA A 152 -1.68 3.96 -15.48
C ALA A 152 -3.14 4.21 -15.83
N CYS A 153 -3.39 4.88 -16.95
CA CYS A 153 -4.77 5.13 -17.32
C CYS A 153 -5.43 3.92 -17.94
N SER A 154 -6.60 3.60 -17.42
CA SER A 154 -7.40 2.48 -17.92
C SER A 154 -8.44 3.14 -18.82
N GLU B 3 -18.93 5.65 21.75
CA GLU B 3 -18.51 4.50 20.90
C GLU B 3 -17.01 4.56 20.55
N LYS B 4 -16.43 3.39 20.27
CA LYS B 4 -15.02 3.22 19.91
C LYS B 4 -14.78 3.57 18.44
N THR B 5 -13.81 4.44 18.22
CA THR B 5 -13.45 4.87 16.88
C THR B 5 -12.06 4.32 16.56
N CYS B 6 -11.51 4.75 15.44
CA CYS B 6 -10.19 4.28 15.04
C CYS B 6 -9.16 4.79 16.03
N ASP B 7 -8.09 4.02 16.22
CA ASP B 7 -7.01 4.44 17.08
C ASP B 7 -5.78 4.57 16.20
N LEU B 8 -5.37 5.82 15.97
CA LEU B 8 -4.21 6.12 15.14
C LEU B 8 -2.96 5.44 15.69
N VAL B 9 -2.03 5.12 14.79
CA VAL B 9 -0.79 4.50 15.20
C VAL B 9 0.14 5.63 15.61
N GLY B 10 0.93 5.42 16.66
CA GLY B 10 1.84 6.46 17.12
C GLY B 10 1.94 6.44 18.63
N GLU B 11 1.97 7.62 19.25
CA GLU B 11 2.03 7.65 20.71
C GLU B 11 0.61 7.82 21.24
N LYS B 12 0.43 8.75 22.15
CA LYS B 12 -0.88 9.02 22.72
C LYS B 12 -0.94 10.51 22.93
N GLY B 13 -1.19 11.24 21.85
CA GLY B 13 -1.25 12.68 21.93
C GLY B 13 -0.08 13.13 21.10
N LYS B 14 0.37 12.26 20.22
CA LYS B 14 1.45 12.54 19.29
C LYS B 14 0.87 12.16 17.94
N GLU B 15 -0.42 11.84 17.96
CA GLU B 15 -1.12 11.49 16.74
C GLU B 15 -1.01 12.81 15.99
N SER B 16 -0.84 12.75 14.68
CA SER B 16 -0.72 13.97 13.89
C SER B 16 -2.08 14.63 13.69
N GLU B 17 -2.10 15.95 13.69
CA GLU B 17 -3.35 16.67 13.49
C GLU B 17 -3.79 16.21 12.12
N LYS B 18 -2.84 16.22 11.20
CA LYS B 18 -3.03 15.80 9.82
C LYS B 18 -3.86 14.52 9.77
N GLU B 19 -3.36 13.45 10.38
CA GLU B 19 -4.10 12.20 10.40
C GLU B 19 -5.48 12.39 11.03
N LEU B 20 -5.53 12.97 12.23
CA LEU B 20 -6.83 13.22 12.89
C LEU B 20 -7.78 13.99 11.97
N ALA B 21 -7.21 14.79 11.07
CA ALA B 21 -8.01 15.58 10.14
C ALA B 21 -8.71 14.69 9.11
N LEU B 22 -7.96 13.73 8.57
CA LEU B 22 -8.48 12.78 7.58
C LEU B 22 -9.56 11.90 8.22
N LEU B 23 -9.27 11.43 9.43
CA LEU B 23 -10.16 10.60 10.23
C LEU B 23 -11.57 11.22 10.33
N LYS B 24 -11.63 12.48 10.79
CA LYS B 24 -12.88 13.23 10.96
C LYS B 24 -13.58 13.42 9.62
N ARG B 25 -12.76 13.56 8.59
CA ARG B 25 -13.20 13.75 7.23
C ARG B 25 -14.04 12.58 6.71
N LEU B 26 -13.73 11.40 7.24
CA LEU B 26 -14.36 10.14 6.86
C LEU B 26 -15.56 9.71 7.72
N THR B 27 -15.82 10.43 8.82
CA THR B 27 -16.92 10.08 9.72
C THR B 27 -18.24 9.70 9.04
N PRO B 28 -18.59 10.39 7.92
CA PRO B 28 -19.86 10.02 7.29
C PRO B 28 -20.01 8.52 6.94
N LEU B 29 -18.88 7.84 6.77
CA LEU B 29 -18.89 6.41 6.42
C LEU B 29 -18.93 5.47 7.62
N PHE B 30 -18.71 6.01 8.82
CA PHE B 30 -18.68 5.18 10.02
C PHE B 30 -19.84 4.21 10.18
N GLN B 31 -21.06 4.64 9.89
CA GLN B 31 -22.21 3.75 10.04
C GLN B 31 -22.52 2.95 8.79
N LYS B 32 -21.59 2.91 7.85
CA LYS B 32 -21.81 2.14 6.63
C LYS B 32 -21.09 0.80 6.72
N SER B 33 -21.41 -0.07 5.78
CA SER B 33 -20.81 -1.39 5.74
C SER B 33 -20.52 -1.73 4.28
N PHE B 34 -19.40 -2.39 4.02
CA PHE B 34 -19.06 -2.74 2.65
C PHE B 34 -18.70 -4.21 2.55
N GLU B 35 -19.35 -4.91 1.62
CA GLU B 35 -19.13 -6.33 1.43
C GLU B 35 -18.72 -6.66 0.00
N SER B 36 -17.98 -7.75 -0.14
CA SER B 36 -17.54 -8.19 -1.44
C SER B 36 -17.33 -9.69 -1.38
N THR B 37 -17.90 -10.42 -2.34
CA THR B 37 -17.76 -11.87 -2.41
C THR B 37 -16.97 -12.26 -3.64
N VAL B 38 -15.97 -13.12 -3.48
CA VAL B 38 -15.15 -13.55 -4.60
C VAL B 38 -15.01 -15.07 -4.67
N GLY B 39 -14.44 -15.54 -5.77
CA GLY B 39 -14.23 -16.97 -5.99
C GLY B 39 -15.48 -17.77 -6.30
N GLN B 40 -15.31 -19.05 -6.58
CA GLN B 40 -16.48 -19.89 -6.84
C GLN B 40 -16.53 -21.06 -5.86
N SER B 41 -17.75 -21.53 -5.64
CA SER B 41 -18.04 -22.62 -4.71
C SER B 41 -17.27 -23.86 -5.10
N PRO B 42 -16.78 -24.62 -4.12
CA PRO B 42 -16.88 -24.42 -2.67
C PRO B 42 -15.94 -23.38 -2.05
N ASP B 43 -15.10 -22.76 -2.86
CA ASP B 43 -14.12 -21.81 -2.35
C ASP B 43 -14.44 -20.33 -2.30
N MET B 44 -15.70 -19.97 -2.07
CA MET B 44 -16.07 -18.57 -2.01
C MET B 44 -15.64 -17.93 -0.70
N TYR B 45 -15.10 -16.73 -0.78
CA TYR B 45 -14.70 -15.99 0.39
C TYR B 45 -15.44 -14.67 0.34
N SER B 46 -15.76 -14.14 1.51
CA SER B 46 -16.47 -12.88 1.57
C SER B 46 -15.67 -11.86 2.40
N TYR B 47 -15.73 -10.59 1.99
CA TYR B 47 -15.01 -9.55 2.73
C TYR B 47 -15.96 -8.50 3.25
N VAL B 48 -15.81 -8.13 4.53
CA VAL B 48 -16.63 -7.10 5.14
C VAL B 48 -15.70 -6.04 5.68
N PHE B 49 -15.95 -4.81 5.30
CA PHE B 49 -15.12 -3.69 5.70
C PHE B 49 -15.93 -2.58 6.31
N ARG B 50 -15.39 -1.99 7.37
CA ARG B 50 -16.05 -0.88 8.04
C ARG B 50 -14.98 0.11 8.43
N VAL B 51 -15.37 1.37 8.53
CA VAL B 51 -14.46 2.44 8.90
C VAL B 51 -14.60 2.78 10.36
N CYS B 52 -13.62 2.37 11.15
CA CYS B 52 -13.59 2.65 12.58
C CYS B 52 -14.73 2.03 13.36
N ARG B 53 -15.30 0.95 12.83
CA ARG B 53 -16.37 0.24 13.51
C ARG B 53 -16.12 -1.25 13.39
N GLU B 54 -16.76 -2.02 14.26
CA GLU B 54 -16.58 -3.46 14.25
C GLU B 54 -17.14 -4.06 12.95
N ALA B 55 -16.34 -4.90 12.31
CA ALA B 55 -16.72 -5.51 11.04
C ALA B 55 -17.06 -6.99 11.12
N GLY B 56 -16.49 -7.68 12.10
CA GLY B 56 -16.76 -9.10 12.24
C GLY B 56 -18.06 -9.39 12.98
N GLN B 57 -18.42 -10.67 13.00
CA GLN B 57 -19.62 -11.11 13.68
C GLN B 57 -19.20 -11.96 14.87
N HIS B 58 -18.04 -12.58 14.75
CA HIS B 58 -17.50 -13.45 15.80
C HIS B 58 -16.24 -12.84 16.37
N SER B 59 -15.40 -12.29 15.50
CA SER B 59 -14.15 -11.66 15.90
C SER B 59 -14.43 -10.32 16.56
N SER B 60 -13.38 -9.62 16.98
CA SER B 60 -13.54 -8.31 17.61
C SER B 60 -12.31 -7.42 17.41
N GLY B 61 -12.57 -6.15 17.16
CA GLY B 61 -11.52 -5.18 16.93
C GLY B 61 -11.09 -5.12 15.48
N ALA B 62 -11.84 -5.81 14.62
CA ALA B 62 -11.52 -5.88 13.20
C ALA B 62 -12.29 -4.86 12.38
N GLY B 63 -11.57 -4.23 11.45
CA GLY B 63 -12.18 -3.26 10.55
C GLY B 63 -12.39 -3.93 9.20
N LEU B 64 -11.68 -5.03 8.96
CA LEU B 64 -11.80 -5.78 7.72
C LEU B 64 -11.59 -7.26 8.04
N VAL B 65 -12.56 -8.07 7.64
CA VAL B 65 -12.53 -9.49 7.86
C VAL B 65 -12.71 -10.29 6.58
N GLN B 66 -12.05 -11.44 6.53
CA GLN B 66 -12.14 -12.34 5.40
C GLN B 66 -12.90 -13.55 5.94
N ILE B 67 -14.04 -13.87 5.32
CA ILE B 67 -14.84 -14.99 5.74
C ILE B 67 -14.85 -16.14 4.76
N GLN B 68 -14.45 -17.33 5.22
CA GLN B 68 -14.45 -18.54 4.39
C GLN B 68 -15.89 -19.02 4.47
N LYS B 69 -16.60 -19.01 3.34
CA LYS B 69 -18.00 -19.40 3.29
C LYS B 69 -18.28 -20.90 3.44
N SER B 70 -17.27 -21.74 3.21
CA SER B 70 -17.53 -23.17 3.34
C SER B 70 -17.64 -23.60 4.81
N ASN B 71 -17.22 -22.75 5.74
CA ASN B 71 -17.31 -23.08 7.16
C ASN B 71 -17.54 -21.88 8.09
N GLY B 72 -17.65 -20.68 7.50
CA GLY B 72 -17.87 -19.50 8.31
C GLY B 72 -16.70 -18.94 9.12
N LYS B 73 -15.52 -19.55 9.03
CA LYS B 73 -14.36 -19.05 9.76
C LYS B 73 -13.98 -17.64 9.36
N GLU B 74 -13.96 -16.75 10.34
CA GLU B 74 -13.61 -15.34 10.16
C GLU B 74 -12.14 -15.02 10.43
N THR B 75 -11.43 -14.57 9.40
CA THR B 75 -10.05 -14.17 9.51
C THR B 75 -10.03 -12.64 9.56
N VAL B 76 -9.28 -12.09 10.49
CA VAL B 76 -9.19 -10.64 10.59
C VAL B 76 -7.92 -10.25 9.86
N VAL B 77 -8.11 -9.36 8.89
CA VAL B 77 -7.05 -8.87 8.02
C VAL B 77 -6.42 -7.59 8.57
N GLY B 78 -7.21 -6.87 9.36
CA GLY B 78 -6.74 -5.65 9.98
C GLY B 78 -7.69 -5.18 11.07
N ARG B 79 -7.12 -4.60 12.12
CA ARG B 79 -7.86 -4.09 13.27
C ARG B 79 -7.81 -2.57 13.25
N PHE B 80 -8.95 -1.92 13.48
CA PHE B 80 -9.00 -0.47 13.49
C PHE B 80 -8.45 0.19 14.74
N ASN B 81 -7.80 -0.59 15.61
CA ASN B 81 -7.23 -0.05 16.83
C ASN B 81 -5.77 0.28 16.52
N GLU B 82 -5.35 -0.03 15.30
CA GLU B 82 -4.00 0.23 14.79
C GLU B 82 -4.19 0.79 13.38
N THR B 83 -4.71 2.01 13.32
CA THR B 83 -5.00 2.65 12.05
C THR B 83 -3.95 3.66 11.59
N GLN B 84 -3.76 3.71 10.28
CA GLN B 84 -2.83 4.62 9.63
C GLN B 84 -3.62 5.15 8.42
N ILE B 85 -3.50 6.45 8.16
CA ILE B 85 -4.22 7.04 7.04
C ILE B 85 -3.35 8.10 6.36
N PHE B 86 -3.39 8.08 5.03
CA PHE B 86 -2.61 9.01 4.22
C PHE B 86 -3.44 9.59 3.08
N GLN B 87 -3.12 10.81 2.66
CA GLN B 87 -3.84 11.48 1.57
C GLN B 87 -2.89 11.73 0.40
N GLY B 88 -3.25 11.24 -0.77
CA GLY B 88 -2.44 11.42 -1.96
C GLY B 88 -3.02 12.53 -2.82
N SER B 89 -2.54 12.67 -4.06
CA SER B 89 -3.03 13.73 -4.94
C SER B 89 -4.54 13.81 -4.95
N ASN B 90 -5.21 12.70 -5.29
CA ASN B 90 -6.65 12.68 -5.32
C ASN B 90 -7.19 11.33 -4.82
N TRP B 91 -6.71 10.91 -3.66
CA TRP B 91 -7.11 9.65 -3.05
C TRP B 91 -6.66 9.62 -1.61
N ILE B 92 -7.25 8.71 -0.85
CA ILE B 92 -6.94 8.52 0.56
C ILE B 92 -6.66 7.05 0.79
N MET B 93 -5.58 6.74 1.52
CA MET B 93 -5.24 5.36 1.78
C MET B 93 -5.42 5.05 3.27
N LEU B 94 -6.28 4.09 3.55
CA LEU B 94 -6.58 3.69 4.91
C LEU B 94 -5.89 2.37 5.18
N ILE B 95 -5.18 2.29 6.30
CA ILE B 95 -4.48 1.06 6.66
C ILE B 95 -4.83 0.54 8.06
N TYR B 96 -5.23 -0.72 8.11
CA TYR B 96 -5.58 -1.39 9.36
C TYR B 96 -4.50 -2.44 9.58
N LYS B 97 -3.78 -2.35 10.70
CA LYS B 97 -2.74 -3.34 10.99
C LYS B 97 -3.24 -4.29 12.10
N GLY B 98 -2.36 -5.15 12.57
CA GLY B 98 -2.69 -6.07 13.64
C GLY B 98 -3.71 -7.13 13.29
N GLY B 99 -3.49 -7.84 12.19
CA GLY B 99 -4.42 -8.87 11.78
C GLY B 99 -3.82 -10.22 12.14
N ASP B 100 -4.61 -11.29 12.01
CA ASP B 100 -4.12 -12.63 12.32
C ASP B 100 -2.85 -12.90 11.53
N GLU B 101 -1.95 -13.70 12.09
CA GLU B 101 -0.67 -14.00 11.45
C GLU B 101 -0.76 -15.01 10.31
N TYR B 102 0.11 -14.86 9.32
CA TYR B 102 0.19 -15.76 8.18
C TYR B 102 0.90 -16.99 8.70
N ASP B 103 0.21 -18.12 8.70
CA ASP B 103 0.85 -19.35 9.15
C ASP B 103 0.99 -20.23 7.91
N ASN B 104 1.62 -19.68 6.88
CA ASN B 104 1.85 -20.37 5.60
C ASN B 104 2.99 -19.77 4.80
N HIS B 105 2.99 -20.05 3.49
CA HIS B 105 4.01 -19.59 2.54
C HIS B 105 4.36 -18.10 2.63
N CYS B 106 3.47 -17.31 3.22
CA CYS B 106 3.67 -15.88 3.34
C CYS B 106 4.60 -15.46 4.45
N GLY B 107 4.88 -16.38 5.38
CA GLY B 107 5.74 -16.07 6.50
C GLY B 107 4.81 -16.09 7.70
N ARG B 108 5.17 -15.41 8.78
CA ARG B 108 4.31 -15.37 9.96
C ARG B 108 4.05 -13.96 10.46
N GLU B 109 4.29 -12.97 9.60
CA GLU B 109 4.06 -11.58 9.98
C GLU B 109 2.55 -11.43 10.11
N GLN B 110 2.11 -10.38 10.79
CA GLN B 110 0.68 -10.14 10.96
C GLN B 110 0.06 -9.57 9.67
N ARG B 111 -1.20 -9.90 9.43
CA ARG B 111 -1.90 -9.40 8.25
C ARG B 111 -2.18 -7.92 8.46
N ARG B 112 -2.31 -7.20 7.35
CA ARG B 112 -2.62 -5.78 7.37
C ARG B 112 -3.62 -5.54 6.24
N ALA B 113 -4.53 -4.60 6.46
CA ALA B 113 -5.53 -4.28 5.45
C ALA B 113 -5.19 -2.93 4.82
N VAL B 114 -5.09 -2.90 3.50
CA VAL B 114 -4.80 -1.68 2.76
C VAL B 114 -5.98 -1.38 1.84
N VAL B 115 -6.59 -0.21 2.03
CA VAL B 115 -7.75 0.23 1.25
C VAL B 115 -7.54 1.54 0.48
N MET B 116 -7.60 1.46 -0.84
CA MET B 116 -7.42 2.58 -1.75
C MET B 116 -8.78 3.28 -1.90
N ILE B 117 -8.91 4.52 -1.42
CA ILE B 117 -10.18 5.24 -1.56
C ILE B 117 -9.99 6.35 -2.60
N SER B 118 -10.38 6.06 -3.83
CA SER B 118 -10.24 6.98 -4.95
C SER B 118 -11.39 7.98 -4.99
N CYS B 119 -11.11 9.16 -5.53
CA CYS B 119 -12.10 10.22 -5.65
C CYS B 119 -13.11 9.95 -6.75
N ASN B 120 -14.38 10.13 -6.40
CA ASN B 120 -15.49 9.98 -7.34
C ASN B 120 -16.56 10.93 -6.81
N ARG B 121 -16.70 12.08 -7.49
CA ARG B 121 -17.64 13.12 -7.09
C ARG B 121 -19.10 12.71 -7.16
N HIS B 122 -19.37 11.60 -7.84
CA HIS B 122 -20.74 11.14 -8.02
C HIS B 122 -21.25 10.15 -6.99
N THR B 123 -20.51 9.91 -5.92
CA THR B 123 -20.98 8.98 -4.90
C THR B 123 -20.31 9.14 -3.55
N LEU B 124 -21.09 8.95 -2.49
CA LEU B 124 -20.57 9.05 -1.13
C LEU B 124 -19.56 7.95 -0.95
N ALA B 125 -19.97 6.73 -1.28
CA ALA B 125 -19.11 5.58 -1.15
C ALA B 125 -19.71 4.30 -1.74
N ASP B 126 -18.96 3.65 -2.63
CA ASP B 126 -19.39 2.40 -3.22
C ASP B 126 -18.26 1.77 -4.05
N ASN B 127 -18.56 0.63 -4.65
CA ASN B 127 -17.62 -0.08 -5.50
C ASN B 127 -16.45 -0.67 -4.72
N PHE B 128 -16.74 -1.21 -3.55
CA PHE B 128 -15.72 -1.82 -2.71
C PHE B 128 -15.31 -3.12 -3.40
N ASN B 129 -14.04 -3.23 -3.77
CA ASN B 129 -13.57 -4.43 -4.44
C ASN B 129 -12.12 -4.78 -4.11
N PRO B 130 -11.82 -6.09 -4.00
CA PRO B 130 -10.46 -6.56 -3.68
C PRO B 130 -9.59 -6.48 -4.92
N VAL B 131 -8.37 -5.97 -4.77
CA VAL B 131 -7.46 -5.87 -5.90
C VAL B 131 -6.36 -6.92 -5.71
N SER B 132 -5.95 -7.11 -4.46
CA SER B 132 -4.91 -8.07 -4.13
C SER B 132 -5.33 -8.83 -2.90
N GLU B 133 -5.10 -10.15 -2.89
CA GLU B 133 -5.48 -10.93 -1.73
C GLU B 133 -4.64 -12.17 -1.49
N GLU B 134 -4.83 -12.70 -0.29
CA GLU B 134 -4.22 -13.94 0.14
C GLU B 134 -5.50 -14.68 0.46
N ARG B 135 -5.93 -15.48 -0.50
CA ARG B 135 -7.18 -16.22 -0.35
C ARG B 135 -7.24 -17.36 -1.34
N GLY B 136 -7.30 -18.58 -0.81
CA GLY B 136 -7.36 -19.75 -1.66
C GLY B 136 -6.10 -19.88 -2.48
N LYS B 137 -6.27 -20.06 -3.79
CA LYS B 137 -5.14 -20.21 -4.68
C LYS B 137 -4.54 -18.87 -5.13
N VAL B 138 -5.10 -17.77 -4.60
CA VAL B 138 -4.62 -16.41 -4.86
C VAL B 138 -3.66 -16.16 -3.69
N GLN B 139 -2.37 -16.07 -3.99
CA GLN B 139 -1.37 -15.92 -2.93
C GLN B 139 -0.45 -14.71 -3.07
N ASP B 140 -1.02 -13.53 -2.87
CA ASP B 140 -0.30 -12.27 -2.97
C ASP B 140 0.42 -11.92 -1.67
N CYS B 141 -0.05 -12.47 -0.55
CA CYS B 141 0.50 -12.16 0.76
C CYS B 141 0.37 -10.66 0.92
N PHE B 142 -0.79 -10.15 0.50
CA PHE B 142 -1.08 -8.73 0.55
C PHE B 142 -2.58 -8.53 0.33
N TYR B 143 -3.19 -7.65 1.12
CA TYR B 143 -4.60 -7.38 0.96
C TYR B 143 -4.76 -5.93 0.55
N LEU B 144 -5.16 -5.74 -0.70
CA LEU B 144 -5.34 -4.42 -1.24
C LEU B 144 -6.78 -4.32 -1.72
N PHE B 145 -7.48 -3.29 -1.27
CA PHE B 145 -8.87 -3.07 -1.67
C PHE B 145 -9.05 -1.69 -2.25
N GLU B 146 -10.07 -1.53 -3.08
CA GLU B 146 -10.36 -0.23 -3.66
C GLU B 146 -11.84 0.12 -3.53
N MET B 147 -12.14 1.41 -3.43
CA MET B 147 -13.52 1.88 -3.37
C MET B 147 -13.62 3.33 -3.80
N ASP B 148 -14.82 3.73 -4.23
CA ASP B 148 -15.08 5.09 -4.68
C ASP B 148 -15.75 5.95 -3.60
N SER B 149 -15.37 7.22 -3.51
CA SER B 149 -15.95 8.12 -2.53
C SER B 149 -15.57 9.55 -2.81
N SER B 150 -16.59 10.43 -2.83
CA SER B 150 -16.36 11.83 -3.09
C SER B 150 -15.55 12.46 -1.95
N LEU B 151 -15.55 11.78 -0.81
CA LEU B 151 -14.81 12.26 0.35
C LEU B 151 -13.30 12.31 0.08
N ALA B 152 -12.82 11.43 -0.80
CA ALA B 152 -11.38 11.41 -1.12
C ALA B 152 -11.03 12.49 -2.11
N CYS B 153 -11.99 13.29 -2.52
CA CYS B 153 -11.69 14.32 -3.48
C CYS B 153 -10.95 15.52 -2.99
N SER B 154 -10.03 15.88 -3.91
CA SER B 154 -9.06 16.93 -3.95
C SER B 154 -7.67 16.63 -3.42
C1 NAG C . 17.11 -10.23 -4.11
C2 NAG C . 17.01 -11.64 -3.49
C3 NAG C . 17.71 -11.68 -2.13
C4 NAG C . 19.13 -11.18 -2.24
C5 NAG C . 19.16 -9.79 -2.91
C6 NAG C . 20.57 -9.32 -3.14
C7 NAG C . 15.04 -12.88 -4.16
C8 NAG C . 13.65 -13.35 -3.82
N2 NAG C . 15.64 -12.08 -3.29
O1 NAG C . 16.48 -9.34 -3.24
O3 NAG C . 17.69 -13.01 -1.61
O4 NAG C . 19.71 -11.09 -0.93
O5 NAG C . 18.50 -9.84 -4.20
O6 NAG C . 21.30 -9.28 -1.92
O7 NAG C . 15.54 -13.17 -5.25
C1 NAG D . -5.39 -4.03 19.31
C2 NAG D . -4.08 -3.97 20.14
C3 NAG D . -3.48 -5.36 20.31
C4 NAG D . -4.50 -6.32 20.92
C5 NAG D . -5.78 -6.30 20.07
C6 NAG D . -6.87 -7.16 20.67
C7 NAG D . -2.83 -1.92 20.04
C8 NAG D . -1.75 -1.10 19.34
N2 NAG D . -3.10 -3.11 19.51
O3 NAG D . -2.32 -5.31 21.13
O4 NAG D . -3.94 -7.64 20.95
O5 NAG D . -6.31 -4.94 19.96
O6 NAG D . -6.36 -8.43 21.09
O7 NAG D . -3.40 -1.46 21.01
#